data_7OUB
#
_entry.id   7OUB
#
_cell.length_a   88.270
_cell.length_b   88.270
_cell.length_c   53.840
_cell.angle_alpha   90.000
_cell.angle_beta   90.000
_cell.angle_gamma   120.000
#
_symmetry.space_group_name_H-M   'P 61'
#
loop_
_entity.id
_entity.type
_entity.pdbx_description
1 polymer 'Alpha-1-acid glycoprotein 2'
2 non-polymer 7-HYDROXYSTAUROSPORINE
3 water water
#
_entity_poly.entity_id   1
_entity_poly.type   'polypeptide(L)'
_entity_poly.pdbx_seq_one_letter_code
;MAHHHHHHSSGLEVLFQGPQIPLCANLVPVPITNATLDRITGKWFYIASAFRNEEYNKSVQEIQATFFYFTPNKTEDTIF
LREYQTRQNQCFYNSSYLNVQRENGTVSRYEGGREHVAHLLFLRDTKTLMFGSYLDDEKNWGLSFYADKPETTKEQLGEF
YEALDCLRIPRSDVMYTDWKKDKCEPLEKQH
;
_entity_poly.pdbx_strand_id   B
#
# COMPACT_ATOMS: atom_id res chain seq x y z
N GLY A 18 5.38 -13.58 22.84
CA GLY A 18 5.09 -12.16 23.05
C GLY A 18 4.92 -11.38 21.76
N PRO A 19 4.61 -10.09 21.88
CA PRO A 19 4.41 -9.25 20.69
C PRO A 19 5.63 -9.27 19.79
N GLN A 20 5.38 -9.25 18.48
CA GLN A 20 6.43 -9.43 17.48
C GLN A 20 6.61 -8.26 16.52
N ILE A 21 5.66 -7.33 16.42
CA ILE A 21 5.78 -6.23 15.46
C ILE A 21 6.70 -5.16 16.00
N PRO A 22 7.84 -4.88 15.37
CA PRO A 22 8.73 -3.84 15.91
C PRO A 22 8.11 -2.47 15.64
N LEU A 23 8.08 -1.63 16.67
CA LEU A 23 7.60 -0.27 16.56
C LEU A 23 8.78 0.68 16.53
N CYS A 24 8.74 1.65 15.61
CA CYS A 24 9.76 2.68 15.53
C CYS A 24 9.07 3.96 15.10
N ALA A 25 9.85 5.04 14.98
CA ALA A 25 9.31 6.38 14.81
C ALA A 25 8.23 6.48 13.72
N ASN A 26 8.46 5.88 12.56
CA ASN A 26 7.51 5.95 11.45
C ASN A 26 6.90 4.59 11.14
N LEU A 27 6.81 3.71 12.13
CA LEU A 27 6.11 2.43 11.94
C LEU A 27 5.28 2.21 13.21
N VAL A 28 4.03 2.70 13.17
CA VAL A 28 3.13 2.70 14.32
C VAL A 28 1.73 2.30 13.88
N PRO A 29 1.28 1.07 14.12
CA PRO A 29 -0.13 0.74 13.85
C PRO A 29 -1.06 1.56 14.73
N VAL A 30 -2.16 2.00 14.13
CA VAL A 30 -3.16 2.79 14.84
C VAL A 30 -4.54 2.37 14.38
N PRO A 31 -5.54 2.48 15.27
CA PRO A 31 -6.90 2.06 14.89
C PRO A 31 -7.44 2.91 13.76
N ILE A 32 -8.27 2.29 12.94
CA ILE A 32 -8.94 2.99 11.84
C ILE A 32 -10.25 3.56 12.39
N THR A 33 -10.42 4.87 12.24
CA THR A 33 -11.62 5.58 12.64
C THR A 33 -12.33 6.11 11.41
N ASN A 34 -13.47 6.77 11.64
CA ASN A 34 -14.13 7.46 10.54
C ASN A 34 -13.26 8.58 9.99
N ALA A 35 -12.48 9.24 10.84
CA ALA A 35 -11.52 10.22 10.34
C ALA A 35 -10.46 9.56 9.45
N THR A 36 -10.02 8.35 9.81
CA THR A 36 -9.08 7.63 8.94
C THR A 36 -9.71 7.33 7.59
N LEU A 37 -10.95 6.84 7.60
CA LEU A 37 -11.60 6.49 6.34
C LEU A 37 -11.76 7.72 5.45
N ASP A 38 -12.04 8.88 6.06
CA ASP A 38 -12.12 10.12 5.28
C ASP A 38 -10.76 10.50 4.69
N ARG A 39 -9.68 10.32 5.47
CA ARG A 39 -8.34 10.69 5.02
C ARG A 39 -7.89 9.84 3.83
N ILE A 40 -8.28 8.56 3.78
CA ILE A 40 -7.84 7.69 2.68
C ILE A 40 -8.85 7.64 1.54
N THR A 41 -9.95 8.37 1.62
CA THR A 41 -10.89 8.43 0.51
C THR A 41 -10.22 9.14 -0.68
N GLY A 42 -10.35 8.56 -1.87
CA GLY A 42 -9.81 9.20 -3.05
C GLY A 42 -8.81 8.37 -3.83
N LYS A 43 -8.02 9.03 -4.65
CA LYS A 43 -7.09 8.40 -5.59
C LYS A 43 -5.69 8.36 -5.00
N TRP A 44 -5.04 7.19 -5.10
CA TRP A 44 -3.67 6.97 -4.61
C TRP A 44 -2.82 6.33 -5.70
N PHE A 45 -1.50 6.56 -5.60
CA PHE A 45 -0.53 6.02 -6.54
C PHE A 45 0.50 5.16 -5.82
N TYR A 46 0.77 4.00 -6.36
CA TYR A 46 1.80 3.12 -5.81
C TYR A 46 3.18 3.63 -6.19
N ILE A 47 4.03 3.83 -5.18
CA ILE A 47 5.33 4.48 -5.35
C ILE A 47 6.49 3.49 -5.26
N ALA A 48 6.52 2.68 -4.21
CA ALA A 48 7.69 1.84 -3.96
C ALA A 48 7.32 0.79 -2.91
N SER A 49 8.11 -0.30 -2.87
CA SER A 49 7.86 -1.31 -1.85
C SER A 49 9.11 -2.17 -1.65
N ALA A 50 9.12 -2.91 -0.55
CA ALA A 50 10.16 -3.90 -0.29
C ALA A 50 9.61 -4.92 0.69
N PHE A 51 9.94 -6.19 0.49
CA PHE A 51 9.43 -7.25 1.37
C PHE A 51 10.53 -8.28 1.58
N ARG A 52 10.42 -8.99 2.69
CA ARG A 52 11.15 -10.25 2.84
C ARG A 52 10.38 -11.43 2.27
N ASN A 53 9.11 -11.23 1.93
CA ASN A 53 8.26 -12.32 1.43
C ASN A 53 8.52 -12.55 -0.06
N GLU A 54 8.90 -13.79 -0.41
CA GLU A 54 9.27 -14.07 -1.79
C GLU A 54 8.12 -13.85 -2.75
N GLU A 55 6.90 -14.27 -2.38
CA GLU A 55 5.78 -14.18 -3.31
C GLU A 55 5.44 -12.73 -3.64
N TYR A 56 5.41 -11.86 -2.63
CA TYR A 56 5.14 -10.46 -2.90
C TYR A 56 6.25 -9.85 -3.75
N ASN A 57 7.51 -10.20 -3.47
CA ASN A 57 8.61 -9.64 -4.25
C ASN A 57 8.48 -10.03 -5.71
N LYS A 58 8.16 -11.30 -5.97
CA LYS A 58 8.00 -11.78 -7.34
C LYS A 58 6.87 -11.05 -8.05
N SER A 59 5.76 -10.80 -7.36
CA SER A 59 4.63 -10.09 -7.98
C SER A 59 4.98 -8.64 -8.26
N VAL A 60 5.40 -7.89 -7.25
CA VAL A 60 5.50 -6.45 -7.45
C VAL A 60 6.69 -6.07 -8.33
N GLN A 61 7.69 -6.95 -8.51
CA GLN A 61 8.82 -6.50 -9.31
C GLN A 61 8.42 -6.27 -10.77
N GLU A 62 7.30 -6.83 -11.21
CA GLU A 62 6.83 -6.63 -12.58
C GLU A 62 5.92 -5.42 -12.74
N ILE A 63 5.55 -4.75 -11.66
CA ILE A 63 4.61 -3.64 -11.75
C ILE A 63 5.33 -2.40 -12.23
N GLN A 64 4.83 -1.78 -13.30
CA GLN A 64 5.43 -0.55 -13.80
C GLN A 64 4.80 0.68 -13.17
N ALA A 65 3.47 0.67 -13.01
CA ALA A 65 2.74 1.73 -12.37
C ALA A 65 1.46 1.14 -11.77
N THR A 66 0.88 1.84 -10.81
CA THR A 66 -0.44 1.47 -10.32
C THR A 66 -1.06 2.67 -9.63
N PHE A 67 -2.31 2.96 -9.95
CA PHE A 67 -3.10 3.86 -9.11
C PHE A 67 -4.44 3.20 -8.80
N PHE A 68 -5.10 3.72 -7.78
CA PHE A 68 -6.33 3.10 -7.33
C PHE A 68 -7.18 4.14 -6.61
N TYR A 69 -8.46 3.81 -6.46
CA TYR A 69 -9.43 4.67 -5.76
C TYR A 69 -10.02 3.91 -4.59
N PHE A 70 -10.09 4.58 -3.42
CA PHE A 70 -10.77 4.08 -2.23
C PHE A 70 -12.10 4.79 -2.07
N THR A 71 -13.18 4.04 -1.83
CA THR A 71 -14.48 4.62 -1.50
C THR A 71 -15.04 3.89 -0.27
N PRO A 72 -14.81 4.44 0.93
CA PRO A 72 -15.26 3.77 2.15
C PRO A 72 -16.77 3.77 2.31
N ASN A 73 -17.27 2.70 2.94
CA ASN A 73 -18.65 2.58 3.40
C ASN A 73 -18.52 2.39 4.91
N LYS A 74 -18.70 3.48 5.66
CA LYS A 74 -18.39 3.47 7.08
C LYS A 74 -19.31 2.53 7.87
N THR A 75 -20.61 2.52 7.54
CA THR A 75 -21.53 1.67 8.30
C THR A 75 -21.29 0.19 8.07
N GLU A 76 -20.73 -0.20 6.92
CA GLU A 76 -20.53 -1.60 6.61
C GLU A 76 -19.11 -2.07 6.84
N ASP A 77 -18.21 -1.17 7.26
CA ASP A 77 -16.81 -1.50 7.51
C ASP A 77 -16.15 -2.09 6.27
N THR A 78 -16.44 -1.50 5.11
CA THR A 78 -15.84 -1.90 3.85
C THR A 78 -15.27 -0.69 3.13
N ILE A 79 -14.42 -0.97 2.15
CA ILE A 79 -13.90 0.06 1.24
C ILE A 79 -14.02 -0.49 -0.17
N PHE A 80 -14.66 0.27 -1.06
CA PHE A 80 -14.70 -0.11 -2.46
C PHE A 80 -13.39 0.33 -3.13
N LEU A 81 -12.80 -0.57 -3.91
CA LEU A 81 -11.48 -0.38 -4.49
C LEU A 81 -11.55 -0.57 -6.00
N ARG A 82 -11.07 0.41 -6.75
CA ARG A 82 -10.85 0.29 -8.19
C ARG A 82 -9.36 0.46 -8.46
N GLU A 83 -8.75 -0.54 -9.11
CA GLU A 83 -7.31 -0.61 -9.30
C GLU A 83 -6.96 -0.55 -10.78
N TYR A 84 -5.94 0.24 -11.11
CA TYR A 84 -5.47 0.41 -12.49
C TYR A 84 -3.97 0.15 -12.49
N GLN A 85 -3.55 -0.99 -13.01
CA GLN A 85 -2.16 -1.42 -12.88
C GLN A 85 -1.53 -1.61 -14.26
N THR A 86 -0.36 -1.04 -14.46
CA THR A 86 0.39 -1.22 -15.70
C THR A 86 1.51 -2.22 -15.45
N ARG A 87 1.52 -3.30 -16.24
CA ARG A 87 2.66 -4.21 -16.25
C ARG A 87 2.71 -4.82 -17.63
N GLN A 88 3.88 -5.34 -17.99
CA GLN A 88 4.09 -5.86 -19.34
C GLN A 88 3.61 -4.84 -20.38
N ASN A 89 3.73 -3.55 -20.04
CA ASN A 89 3.36 -2.43 -20.91
C ASN A 89 1.88 -2.46 -21.33
N GLN A 90 1.01 -2.93 -20.43
CA GLN A 90 -0.43 -2.98 -20.68
C GLN A 90 -1.17 -2.50 -19.44
N CYS A 91 -2.38 -1.97 -19.64
CA CYS A 91 -3.24 -1.55 -18.53
C CYS A 91 -4.17 -2.69 -18.12
N PHE A 92 -4.19 -3.00 -16.82
CA PHE A 92 -5.07 -4.01 -16.24
C PHE A 92 -5.89 -3.41 -15.11
N TYR A 93 -7.12 -3.89 -14.97
CA TYR A 93 -8.09 -3.28 -14.07
C TYR A 93 -8.72 -4.33 -13.16
N ASN A 94 -9.09 -3.90 -11.96
CA ASN A 94 -9.84 -4.72 -11.03
C ASN A 94 -10.70 -3.82 -10.16
N SER A 95 -11.85 -4.33 -9.75
CA SER A 95 -12.64 -3.72 -8.70
C SER A 95 -13.00 -4.78 -7.67
N SER A 96 -12.99 -4.39 -6.39
CA SER A 96 -13.31 -5.32 -5.31
C SER A 96 -13.59 -4.52 -4.06
N TYR A 97 -13.92 -5.23 -2.98
CA TYR A 97 -14.22 -4.63 -1.69
C TYR A 97 -13.19 -5.07 -0.67
N LEU A 98 -12.68 -4.12 0.09
CA LEU A 98 -11.87 -4.42 1.27
C LEU A 98 -12.78 -4.52 2.48
N ASN A 99 -12.43 -5.43 3.40
CA ASN A 99 -13.00 -5.44 4.72
C ASN A 99 -12.09 -4.65 5.65
N VAL A 100 -12.68 -3.92 6.59
CA VAL A 100 -11.95 -3.02 7.47
C VAL A 100 -12.04 -3.57 8.89
N GLN A 101 -10.88 -3.77 9.52
CA GLN A 101 -10.81 -4.19 10.92
C GLN A 101 -10.39 -2.96 11.72
N ARG A 102 -11.39 -2.22 12.21
CA ARG A 102 -11.15 -0.89 12.79
C ARG A 102 -10.18 -0.94 13.95
N GLU A 103 -10.44 -1.81 14.93
CA GLU A 103 -9.61 -1.82 16.13
C GLU A 103 -8.19 -2.30 15.83
N ASN A 104 -8.07 -3.33 14.98
CA ASN A 104 -6.75 -3.81 14.60
C ASN A 104 -6.00 -2.81 13.74
N GLY A 105 -6.69 -1.87 13.10
CA GLY A 105 -6.03 -0.97 12.18
C GLY A 105 -5.56 -1.67 10.93
N THR A 106 -6.30 -2.66 10.46
CA THR A 106 -5.97 -3.41 9.26
C THR A 106 -7.12 -3.38 8.26
N VAL A 107 -6.77 -3.68 7.01
CA VAL A 107 -7.72 -3.93 5.95
C VAL A 107 -7.36 -5.27 5.34
N SER A 108 -8.35 -5.90 4.71
CA SER A 108 -8.15 -7.24 4.18
C SER A 108 -8.93 -7.39 2.89
N ARG A 109 -8.45 -8.29 2.05
CA ARG A 109 -9.08 -8.54 0.76
C ARG A 109 -8.78 -9.97 0.36
N TYR A 110 -9.64 -10.50 -0.50
CA TYR A 110 -9.44 -11.80 -1.12
C TYR A 110 -8.98 -11.54 -2.55
N GLU A 111 -7.77 -12.00 -2.86
N GLU A 111 -7.78 -12.05 -2.87
CA GLU A 111 -7.19 -11.76 -4.17
CA GLU A 111 -7.16 -11.76 -4.15
C GLU A 111 -6.27 -12.93 -4.52
C GLU A 111 -6.25 -12.92 -4.52
N GLY A 112 -6.40 -13.43 -5.74
CA GLY A 112 -5.58 -14.54 -6.16
C GLY A 112 -5.84 -15.81 -5.41
N GLY A 113 -7.08 -16.05 -5.00
CA GLY A 113 -7.45 -17.26 -4.30
C GLY A 113 -7.04 -17.32 -2.84
N ARG A 114 -6.58 -16.21 -2.27
CA ARG A 114 -6.14 -16.21 -0.88
C ARG A 114 -6.48 -14.87 -0.25
N GLU A 115 -6.53 -14.84 1.08
CA GLU A 115 -6.76 -13.62 1.82
C GLU A 115 -5.44 -12.88 2.00
N HIS A 116 -5.50 -11.55 1.95
CA HIS A 116 -4.38 -10.67 2.29
C HIS A 116 -4.85 -9.74 3.40
N VAL A 117 -3.94 -9.43 4.33
CA VAL A 117 -4.20 -8.46 5.38
C VAL A 117 -3.06 -7.45 5.41
N ALA A 118 -3.39 -6.18 5.61
CA ALA A 118 -2.36 -5.15 5.71
C ALA A 118 -2.70 -4.16 6.82
N HIS A 119 -1.67 -3.75 7.56
CA HIS A 119 -1.82 -2.63 8.49
C HIS A 119 -1.80 -1.34 7.70
N LEU A 120 -2.78 -0.46 7.96
CA LEU A 120 -2.76 0.86 7.34
C LEU A 120 -1.87 1.76 8.19
N LEU A 121 -0.80 2.30 7.61
CA LEU A 121 0.22 3.03 8.36
C LEU A 121 0.41 4.43 7.80
N PHE A 122 0.65 5.40 8.68
CA PHE A 122 0.78 6.78 8.24
C PHE A 122 2.14 7.34 8.63
N LEU A 123 2.53 8.39 7.92
CA LEU A 123 3.83 9.05 8.09
C LEU A 123 3.56 10.48 8.55
N ARG A 124 4.63 11.29 8.62
CA ARG A 124 4.43 12.66 9.09
C ARG A 124 3.79 13.52 8.01
N ASP A 125 4.18 13.30 6.75
CA ASP A 125 3.53 13.96 5.63
C ASP A 125 2.11 13.42 5.44
N THR A 126 1.12 14.30 5.32
CA THR A 126 -0.27 13.83 5.31
C THR A 126 -0.73 13.25 3.97
N LYS A 127 0.08 13.33 2.91
CA LYS A 127 -0.37 12.91 1.59
C LYS A 127 0.27 11.60 1.15
N THR A 128 0.81 10.83 2.09
CA THR A 128 1.36 9.51 1.80
C THR A 128 0.76 8.49 2.77
N LEU A 129 0.90 7.22 2.41
CA LEU A 129 0.46 6.18 3.32
C LEU A 129 1.20 4.89 2.97
N MET A 130 1.18 3.96 3.91
CA MET A 130 1.86 2.70 3.71
C MET A 130 0.93 1.56 4.08
N PHE A 131 1.16 0.40 3.46
CA PHE A 131 0.56 -0.87 3.88
C PHE A 131 1.67 -1.71 4.48
N GLY A 132 1.47 -2.18 5.71
CA GLY A 132 2.40 -3.10 6.34
C GLY A 132 1.89 -4.52 6.14
N SER A 133 2.74 -5.36 5.57
CA SER A 133 2.38 -6.75 5.28
C SER A 133 3.19 -7.71 6.14
N TYR A 134 2.52 -8.72 6.68
CA TYR A 134 3.18 -9.76 7.48
C TYR A 134 4.04 -9.17 8.59
N LEU A 135 3.57 -8.07 9.23
CA LEU A 135 4.44 -7.33 10.14
C LEU A 135 4.83 -8.15 11.37
N ASP A 136 4.08 -9.18 11.73
CA ASP A 136 4.43 -10.01 12.88
C ASP A 136 5.39 -11.13 12.51
N ASP A 137 5.93 -11.15 11.30
CA ASP A 137 6.72 -12.29 10.80
C ASP A 137 8.04 -11.78 10.21
N GLU A 138 9.12 -11.92 10.98
CA GLU A 138 10.43 -11.46 10.54
C GLU A 138 10.91 -12.15 9.26
N LYS A 139 10.34 -13.31 8.94
CA LYS A 139 10.73 -13.99 7.71
C LYS A 139 10.10 -13.39 6.46
N ASN A 140 9.08 -12.56 6.62
CA ASN A 140 8.21 -12.19 5.50
C ASN A 140 7.78 -10.74 5.44
N TRP A 141 8.11 -9.93 6.45
CA TRP A 141 7.48 -8.63 6.57
C TRP A 141 7.96 -7.65 5.49
N GLY A 142 7.14 -6.62 5.27
CA GLY A 142 7.50 -5.62 4.29
C GLY A 142 6.53 -4.47 4.30
N LEU A 143 6.84 -3.47 3.48
CA LEU A 143 6.05 -2.24 3.42
C LEU A 143 5.85 -1.85 1.97
N SER A 144 4.68 -1.34 1.64
CA SER A 144 4.48 -0.69 0.34
C SER A 144 4.04 0.75 0.60
N PHE A 145 4.44 1.64 -0.31
CA PHE A 145 4.38 3.08 -0.10
C PHE A 145 3.58 3.72 -1.22
N TYR A 146 2.66 4.62 -0.85
CA TYR A 146 1.67 5.20 -1.75
C TYR A 146 1.56 6.70 -1.46
N ALA A 147 1.13 7.44 -2.48
CA ALA A 147 0.98 8.89 -2.33
C ALA A 147 -0.20 9.39 -3.16
N ASP A 148 -0.61 10.62 -2.88
CA ASP A 148 -1.76 11.18 -3.59
C ASP A 148 -1.37 11.75 -4.96
N LYS A 149 -0.09 11.69 -5.32
CA LYS A 149 0.44 12.03 -6.63
C LYS A 149 1.32 10.88 -7.11
N PRO A 150 1.47 10.69 -8.43
CA PRO A 150 2.27 9.55 -8.91
C PRO A 150 3.76 9.67 -8.64
N GLU A 151 4.26 10.83 -8.25
CA GLU A 151 5.66 10.97 -7.87
C GLU A 151 5.75 11.75 -6.57
N THR A 152 6.65 11.34 -5.69
CA THR A 152 6.81 11.98 -4.38
C THR A 152 8.08 12.81 -4.34
N THR A 153 8.14 13.70 -3.37
CA THR A 153 9.36 14.45 -3.13
C THR A 153 10.40 13.55 -2.46
N LYS A 154 11.64 14.03 -2.42
CA LYS A 154 12.69 13.32 -1.70
C LYS A 154 12.36 13.16 -0.23
N GLU A 155 11.85 14.22 0.40
CA GLU A 155 11.56 14.13 1.84
C GLU A 155 10.42 13.16 2.11
N GLN A 156 9.40 13.13 1.25
CA GLN A 156 8.33 12.15 1.40
C GLN A 156 8.88 10.73 1.32
N LEU A 157 9.71 10.45 0.31
CA LEU A 157 10.28 9.12 0.17
C LEU A 157 11.19 8.77 1.35
N GLY A 158 11.89 9.78 1.88
CA GLY A 158 12.75 9.55 3.03
C GLY A 158 12.03 9.00 4.25
N GLU A 159 10.75 9.37 4.41
CA GLU A 159 9.97 8.81 5.51
C GLU A 159 9.73 7.32 5.31
N PHE A 160 9.51 6.91 4.06
CA PHE A 160 9.36 5.49 3.78
C PHE A 160 10.67 4.75 4.09
N TYR A 161 11.81 5.34 3.73
CA TYR A 161 13.08 4.72 4.04
C TYR A 161 13.25 4.59 5.55
N GLU A 162 12.76 5.59 6.31
CA GLU A 162 12.82 5.51 7.75
C GLU A 162 12.02 4.31 8.27
N ALA A 163 10.81 4.10 7.74
CA ALA A 163 10.01 2.97 8.18
C ALA A 163 10.68 1.64 7.80
N LEU A 164 11.28 1.59 6.62
CA LEU A 164 11.96 0.37 6.19
C LEU A 164 13.10 0.01 7.14
N ASP A 165 13.81 1.01 7.66
CA ASP A 165 14.88 0.77 8.63
C ASP A 165 14.36 0.03 9.86
N CYS A 166 13.09 0.25 10.22
CA CYS A 166 12.50 -0.43 11.39
C CYS A 166 12.38 -1.94 11.14
N LEU A 167 12.09 -2.32 9.90
CA LEU A 167 12.03 -3.71 9.49
C LEU A 167 13.40 -4.25 9.07
N ARG A 168 14.42 -3.41 9.11
CA ARG A 168 15.82 -3.81 8.87
C ARG A 168 16.00 -4.38 7.46
N ILE A 169 15.29 -3.78 6.50
CA ILE A 169 15.38 -4.13 5.08
C ILE A 169 16.24 -3.08 4.38
N PRO A 170 17.23 -3.49 3.58
CA PRO A 170 18.07 -2.49 2.92
C PRO A 170 17.34 -1.76 1.80
N ARG A 171 17.73 -0.50 1.59
CA ARG A 171 17.12 0.27 0.51
C ARG A 171 17.38 -0.37 -0.86
N SER A 172 18.47 -1.12 -0.99
CA SER A 172 18.74 -1.82 -2.24
C SER A 172 17.68 -2.87 -2.58
N ASP A 173 16.80 -3.21 -1.65
CA ASP A 173 15.72 -4.15 -1.93
C ASP A 173 14.47 -3.47 -2.44
N VAL A 174 14.44 -2.14 -2.45
CA VAL A 174 13.22 -1.41 -2.82
C VAL A 174 12.98 -1.49 -4.31
N MET A 175 11.72 -1.69 -4.69
CA MET A 175 11.28 -1.67 -6.08
C MET A 175 10.43 -0.41 -6.29
N TYR A 176 10.62 0.26 -7.43
CA TYR A 176 9.96 1.55 -7.66
C TYR A 176 9.11 1.50 -8.93
N THR A 177 7.99 2.22 -8.90
CA THR A 177 7.25 2.45 -10.14
C THR A 177 7.91 3.59 -10.93
N ASP A 178 7.58 3.65 -12.22
CA ASP A 178 8.01 4.72 -13.12
C ASP A 178 6.77 5.26 -13.79
N TRP A 179 6.32 6.45 -13.37
CA TRP A 179 5.05 6.96 -13.86
C TRP A 179 5.08 7.19 -15.37
N LYS A 180 6.27 7.40 -15.94
CA LYS A 180 6.35 7.57 -17.38
C LYS A 180 5.89 6.32 -18.13
N LYS A 181 5.85 5.17 -17.45
CA LYS A 181 5.47 3.90 -18.08
C LYS A 181 3.99 3.58 -17.92
N ASP A 182 3.23 4.41 -17.21
CA ASP A 182 1.81 4.12 -17.00
C ASP A 182 1.08 4.06 -18.34
N LYS A 183 0.13 3.14 -18.43
CA LYS A 183 -0.74 3.04 -19.58
C LYS A 183 -2.20 3.28 -19.24
N CYS A 184 -2.53 3.35 -17.95
CA CYS A 184 -3.94 3.36 -17.52
C CYS A 184 -4.60 4.73 -17.52
N GLU A 185 -3.84 5.76 -17.23
CA GLU A 185 -4.46 7.09 -17.06
C GLU A 185 -5.28 7.53 -18.27
N PRO A 186 -4.77 7.41 -19.49
CA PRO A 186 -5.52 7.80 -20.67
C PRO A 186 -6.75 6.91 -20.92
N LEU A 187 -6.82 5.76 -20.31
CA LEU A 187 -7.93 4.84 -20.59
C LEU A 187 -8.99 4.86 -19.52
N GLU A 188 -8.67 5.32 -18.30
CA GLU A 188 -9.60 5.16 -17.16
C GLU A 188 -10.99 5.73 -17.43
N LYS A 189 -11.08 6.85 -18.10
CA LYS A 189 -12.37 7.41 -18.53
C LYS A 189 -12.39 7.38 -20.06
N GLN A 190 -13.57 7.10 -20.60
CA GLN A 190 -14.00 6.98 -22.04
C GLN A 190 -13.79 5.55 -22.53
#